data_9LG2
#
_entry.id   9LG2
#
_cell.length_a   41.226
_cell.length_b   74.586
_cell.length_c   172.327
_cell.angle_alpha   90.00
_cell.angle_beta   90.00
_cell.angle_gamma   90.00
#
_symmetry.space_group_name_H-M   'P 21 21 21'
#
loop_
_entity.id
_entity.type
_entity.pdbx_description
1 polymer 'Phosphoglycerate mutase 1'
2 polymer 'Phosphoglycerate mutase 1'
3 non-polymer 'CHLORIDE ION'
4 water water
#
loop_
_entity_poly.entity_id
_entity_poly.type
_entity_poly.pdbx_seq_one_letter_code
_entity_poly.pdbx_strand_id
1 'polypeptide(L)'
;MAAYKLVLIRHGESAWNLENRFSGWYDADLSPAGHEEAKRGGQALRDAGYEFDICFTSVQKRAIRTLWTVLDAIDQMWLP
VVRTWRLNERHYGGLTGLN(A1EJR)AETAAKHGEAQVKIWRRSYDVPPPPMEPDHPFYSNISKDRRYADLTEDQLPSCE
SLKDTIARALPFWNEEIVPQIKEGKRVLIAAHGNSLRGIVKHLEGLSEEAIMELNLPTGIPIVYELDKNLKPIKPMQFLG
DEETVRKAMEAVAAQGKAKKLEHHHHHH
;
B
2 'polypeptide(L)'
;MAAYKLVLIRHGESAWNLENRFSGWYDADLSPAGHEEAKRGGQALRDAGYEFDICFTSVQKRAIRTLWTVLDAIDQMWLP
VVRTWRLNERHYGGLTGLNKAETAAKHGEAQVKIWRRSYDVPPPPMEPDHPFYSNISKDRRYADLTEDQLPSCESLKDTI
ARALPFWNEEIVPQIKEGKRVLIAAHGNSLRGIVKHLEGLSEEAIMELNLPTGIPIVYELDKNLKPIKPMQFLGDEETVR
KAMEAVAAQGKAKKLEHHHHHH
;
C
#
loop_
_chem_comp.id
_chem_comp.type
_chem_comp.name
_chem_comp.formula
CL non-polymer 'CHLORIDE ION' 'Cl -1'
#
# COMPACT_ATOMS: atom_id res chain seq x y z
N ALA A 3 -14.84 17.61 -17.07
CA ALA A 3 -13.90 16.79 -17.84
C ALA A 3 -13.12 15.77 -16.97
N TYR A 4 -12.60 16.19 -15.82
CA TYR A 4 -11.82 15.30 -14.95
C TYR A 4 -12.16 15.57 -13.49
N LYS A 5 -11.93 14.57 -12.63
CA LYS A 5 -12.15 14.69 -11.19
C LYS A 5 -10.92 14.23 -10.42
N LEU A 6 -10.45 15.05 -9.46
CA LEU A 6 -9.25 14.81 -8.66
C LEU A 6 -9.59 14.92 -7.16
N VAL A 7 -8.99 14.06 -6.31
CA VAL A 7 -9.28 14.06 -4.87
C VAL A 7 -7.97 14.03 -4.09
N LEU A 8 -7.85 14.90 -3.05
CA LEU A 8 -6.69 14.98 -2.15
C LEU A 8 -7.10 14.73 -0.69
N ILE A 9 -6.19 14.20 0.15
CA ILE A 9 -6.47 14.07 1.58
C ILE A 9 -5.20 14.31 2.40
N ARG A 10 -5.32 15.14 3.45
CA ARG A 10 -4.21 15.48 4.35
C ARG A 10 -4.33 14.61 5.61
N HIS A 11 -3.21 13.99 6.02
CA HIS A 11 -3.23 13.12 7.19
C HIS A 11 -3.49 13.92 8.48
N GLY A 12 -3.95 13.20 9.53
CA GLY A 12 -4.26 13.81 10.82
C GLY A 12 -3.17 13.68 11.87
N GLU A 13 -3.58 13.79 13.15
CA GLU A 13 -2.65 13.93 14.27
C GLU A 13 -1.68 12.75 14.39
N SER A 14 -0.41 13.06 14.70
CA SER A 14 0.66 12.08 14.88
C SER A 14 1.10 11.99 16.35
N ALA A 15 1.91 10.97 16.65
CA ALA A 15 2.46 10.81 18.00
C ALA A 15 3.31 12.01 18.43
N TRP A 16 4.01 12.65 17.48
CA TRP A 16 4.84 13.81 17.84
C TRP A 16 4.05 15.12 17.93
N ASN A 17 2.89 15.23 17.28
CA ASN A 17 1.98 16.35 17.56
C ASN A 17 1.54 16.36 19.03
N LEU A 18 1.35 15.18 19.63
CA LEU A 18 1.00 15.13 21.04
C LEU A 18 2.14 15.60 21.93
N GLU A 19 3.38 15.49 21.46
CA GLU A 19 4.53 16.00 22.19
C GLU A 19 4.83 17.46 21.84
N ASN A 20 4.02 18.08 20.98
CA ASN A 20 4.25 19.45 20.52
C ASN A 20 5.67 19.63 19.98
N ARG A 21 6.06 18.71 19.08
CA ARG A 21 7.41 18.59 18.56
C ARG A 21 7.42 18.67 17.04
N PHE A 22 8.39 19.42 16.48
CA PHE A 22 8.59 19.49 15.03
C PHE A 22 8.98 18.13 14.46
N SER A 23 8.22 17.64 13.47
CA SER A 23 8.44 16.34 12.82
C SER A 23 9.22 16.45 11.51
N GLY A 24 8.66 17.10 10.50
CA GLY A 24 9.38 17.23 9.23
C GLY A 24 9.58 15.86 8.61
N TRP A 25 10.84 15.53 8.27
CA TRP A 25 11.14 14.23 7.65
C TRP A 25 11.25 13.07 8.66
N TYR A 26 11.21 13.34 9.97
CA TYR A 26 11.12 12.23 10.94
C TYR A 26 9.83 11.43 10.75
N ASP A 27 9.95 10.10 10.78
CA ASP A 27 8.88 9.20 10.35
C ASP A 27 7.94 8.82 11.51
N ALA A 28 7.24 9.82 12.06
CA ALA A 28 6.30 9.58 13.16
C ALA A 28 4.99 8.97 12.68
N ASP A 29 4.40 8.10 13.51
CA ASP A 29 3.15 7.39 13.19
C ASP A 29 1.92 8.17 13.67
N LEU A 30 0.73 7.76 13.19
CA LEU A 30 -0.52 8.40 13.62
C LEU A 30 -0.86 8.06 15.08
N SER A 31 -1.43 9.03 15.79
CA SER A 31 -2.12 8.78 17.07
C SER A 31 -3.51 8.15 16.84
N PRO A 32 -4.19 7.69 17.91
CA PRO A 32 -5.56 7.15 17.72
C PRO A 32 -6.52 8.16 17.09
N ALA A 33 -6.39 9.44 17.42
CA ALA A 33 -7.28 10.45 16.83
C ALA A 33 -7.02 10.64 15.34
N GLY A 34 -5.74 10.62 14.91
CA GLY A 34 -5.44 10.77 13.48
C GLY A 34 -5.88 9.56 12.67
N HIS A 35 -5.75 8.37 13.25
CA HIS A 35 -6.30 7.16 12.64
C HIS A 35 -7.84 7.24 12.51
N GLU A 36 -8.51 7.77 13.54
CA GLU A 36 -9.96 7.99 13.45
C GLU A 36 -10.33 8.95 12.32
N GLU A 37 -9.55 10.03 12.16
CA GLU A 37 -9.86 10.99 11.11
C GLU A 37 -9.78 10.36 9.72
N ALA A 38 -8.75 9.54 9.49
CA ALA A 38 -8.67 8.78 8.23
C ALA A 38 -9.89 7.84 8.04
N LYS A 39 -10.33 7.17 9.12
CA LYS A 39 -11.52 6.31 8.98
C LYS A 39 -12.77 7.13 8.59
N ARG A 40 -12.97 8.30 9.21
CA ARG A 40 -14.13 9.13 8.87
C ARG A 40 -14.09 9.61 7.41
N GLY A 41 -12.92 10.05 6.92
CA GLY A 41 -12.84 10.46 5.51
C GLY A 41 -13.10 9.31 4.54
N GLY A 42 -12.54 8.14 4.83
CA GLY A 42 -12.85 6.96 4.04
C GLY A 42 -14.34 6.63 3.99
N GLN A 43 -15.02 6.71 5.14
CA GLN A 43 -16.46 6.42 5.14
C GLN A 43 -17.26 7.48 4.37
N ALA A 44 -16.81 8.74 4.38
CA ALA A 44 -17.49 9.76 3.57
C ALA A 44 -17.35 9.45 2.07
N LEU A 45 -16.16 9.01 1.65
CA LEU A 45 -15.99 8.59 0.26
C LEU A 45 -16.84 7.36 -0.07
N ARG A 46 -16.93 6.40 0.86
CA ARG A 46 -17.76 5.21 0.64
C ARG A 46 -19.24 5.57 0.47
N ASP A 47 -19.76 6.45 1.33
CA ASP A 47 -21.18 6.78 1.28
C ASP A 47 -21.55 7.54 -0.01
N ALA A 48 -20.61 8.27 -0.59
CA ALA A 48 -20.87 9.00 -1.82
C ALA A 48 -20.53 8.22 -3.10
N GLY A 49 -20.03 6.99 -2.99
CA GLY A 49 -19.78 6.14 -4.16
C GLY A 49 -18.54 6.46 -4.98
N TYR A 50 -17.51 7.06 -4.39
CA TYR A 50 -16.34 7.45 -5.17
C TYR A 50 -15.52 6.23 -5.59
N GLU A 51 -14.90 6.33 -6.78
CA GLU A 51 -14.07 5.28 -7.38
C GLU A 51 -12.76 5.88 -7.89
N PHE A 52 -11.64 5.17 -7.71
CA PHE A 52 -10.34 5.62 -8.19
C PHE A 52 -9.70 4.56 -9.08
N ASP A 53 -8.68 4.97 -9.85
CA ASP A 53 -7.91 4.04 -10.67
C ASP A 53 -6.43 3.94 -10.31
N ILE A 54 -5.83 4.96 -9.66
CA ILE A 54 -4.43 4.92 -9.23
C ILE A 54 -4.26 5.90 -8.07
N CYS A 55 -3.29 5.61 -7.17
CA CYS A 55 -3.06 6.35 -5.93
C CYS A 55 -1.59 6.72 -5.77
N PHE A 56 -1.34 7.94 -5.25
CA PHE A 56 0.00 8.47 -4.96
C PHE A 56 0.12 8.90 -3.49
N THR A 57 1.28 8.64 -2.88
CA THR A 57 1.57 9.03 -1.50
C THR A 57 3.10 9.23 -1.33
N SER A 58 3.53 9.61 -0.12
CA SER A 58 4.94 9.86 0.20
C SER A 58 5.63 8.56 0.66
N VAL A 59 6.82 8.68 1.25
CA VAL A 59 7.50 7.53 1.88
C VAL A 59 7.44 7.62 3.41
N GLN A 60 6.48 8.36 3.95
CA GLN A 60 6.29 8.53 5.40
C GLN A 60 5.03 7.81 5.86
N LYS A 61 5.14 7.05 6.96
CA LYS A 61 4.08 6.12 7.35
C LYS A 61 2.79 6.82 7.79
N ARG A 62 2.86 8.07 8.27
CA ARG A 62 1.59 8.72 8.64
C ARG A 62 0.71 9.00 7.42
N ALA A 63 1.30 9.25 6.26
CA ALA A 63 0.49 9.38 5.05
C ALA A 63 0.12 8.02 4.43
N ILE A 64 1.05 7.04 4.47
CA ILE A 64 0.77 5.72 3.90
C ILE A 64 -0.37 5.02 4.68
N ARG A 65 -0.34 5.10 6.01
CA ARG A 65 -1.41 4.47 6.81
C ARG A 65 -2.75 5.17 6.60
N THR A 66 -2.75 6.50 6.38
CA THR A 66 -4.00 7.17 5.99
C THR A 66 -4.55 6.61 4.68
N LEU A 67 -3.68 6.45 3.67
CA LEU A 67 -4.11 5.84 2.41
C LEU A 67 -4.67 4.44 2.61
N TRP A 68 -3.95 3.60 3.39
CA TRP A 68 -4.39 2.23 3.62
C TRP A 68 -5.79 2.22 4.26
N THR A 69 -6.03 3.10 5.24
CA THR A 69 -7.34 3.14 5.89
C THR A 69 -8.45 3.54 4.93
N VAL A 70 -8.18 4.51 4.06
CA VAL A 70 -9.19 4.91 3.08
C VAL A 70 -9.53 3.76 2.14
N LEU A 71 -8.50 3.09 1.60
CA LEU A 71 -8.74 2.02 0.62
C LEU A 71 -9.48 0.84 1.27
N ASP A 72 -9.19 0.54 2.54
CA ASP A 72 -10.00 -0.44 3.28
C ASP A 72 -11.46 -0.02 3.32
N ALA A 73 -11.72 1.24 3.67
CA ALA A 73 -13.10 1.72 3.86
C ALA A 73 -13.90 1.69 2.56
N ILE A 74 -13.26 1.98 1.42
CA ILE A 74 -13.97 2.03 0.14
C ILE A 74 -13.88 0.74 -0.65
N ASP A 75 -13.27 -0.32 -0.10
CA ASP A 75 -13.18 -1.66 -0.73
C ASP A 75 -12.42 -1.62 -2.06
N GLN A 76 -11.27 -0.94 -2.05
CA GLN A 76 -10.44 -0.76 -3.23
C GLN A 76 -8.96 -0.98 -2.87
N MET A 77 -8.69 -2.01 -2.03
CA MET A 77 -7.32 -2.37 -1.66
C MET A 77 -6.50 -2.92 -2.82
N TRP A 78 -7.16 -3.30 -3.92
CA TRP A 78 -6.51 -3.88 -5.10
C TRP A 78 -5.89 -2.85 -6.04
N LEU A 79 -6.11 -1.54 -5.81
CA LEU A 79 -5.61 -0.51 -6.71
C LEU A 79 -4.08 -0.43 -6.69
N PRO A 80 -3.46 -0.02 -7.81
CA PRO A 80 -2.02 0.24 -7.80
C PRO A 80 -1.70 1.50 -6.99
N VAL A 81 -0.57 1.46 -6.29
CA VAL A 81 -0.11 2.49 -5.36
C VAL A 81 1.33 2.86 -5.73
N VAL A 82 1.64 4.16 -5.76
CA VAL A 82 2.98 4.67 -6.07
C VAL A 82 3.43 5.61 -4.94
N ARG A 83 4.64 5.36 -4.39
CA ARG A 83 5.22 6.15 -3.30
C ARG A 83 6.39 7.02 -3.79
N THR A 84 6.52 8.26 -3.29
CA THR A 84 7.65 9.11 -3.69
C THR A 84 8.09 10.08 -2.57
N TRP A 85 9.42 10.21 -2.40
CA TRP A 85 9.97 11.23 -1.50
C TRP A 85 9.55 12.66 -1.88
N ARG A 86 9.19 12.90 -3.14
CA ARG A 86 8.83 14.26 -3.56
C ARG A 86 7.51 14.75 -2.98
N LEU A 87 6.69 13.88 -2.36
CA LEU A 87 5.48 14.29 -1.66
C LEU A 87 5.62 14.31 -0.12
N ASN A 88 6.83 14.09 0.40
CA ASN A 88 7.09 14.23 1.84
C ASN A 88 6.70 15.63 2.36
N GLU A 89 6.49 15.70 3.68
CA GLU A 89 6.39 16.96 4.41
C GLU A 89 7.64 17.85 4.21
N ARG A 90 7.47 19.15 4.42
CA ARG A 90 8.60 20.08 4.45
C ARG A 90 9.68 19.64 5.46
N HIS A 91 10.96 19.79 5.09
CA HIS A 91 12.12 19.42 5.94
C HIS A 91 12.44 20.58 6.88
N TYR A 92 12.30 20.36 8.20
CA TYR A 92 12.48 21.45 9.16
C TYR A 92 13.91 21.59 9.68
N GLY A 93 14.89 20.96 9.02
CA GLY A 93 16.30 21.23 9.33
C GLY A 93 16.66 20.93 10.78
N GLY A 94 17.47 21.81 11.37
CA GLY A 94 17.88 21.66 12.76
C GLY A 94 16.76 21.81 13.79
N LEU A 95 15.55 22.24 13.36
CA LEU A 95 14.44 22.29 14.30
C LEU A 95 13.82 20.91 14.55
N THR A 96 14.11 19.93 13.70
CA THR A 96 13.53 18.60 13.85
C THR A 96 13.79 18.05 15.25
N GLY A 97 12.72 17.57 15.91
CA GLY A 97 12.82 16.99 17.22
C GLY A 97 12.72 17.94 18.41
N LEU A 98 12.82 19.26 18.20
CA LEU A 98 12.61 20.21 19.29
C LEU A 98 11.13 20.48 19.51
N ASN A 99 10.76 20.76 20.76
CA ASN A 99 9.38 21.16 21.00
C ASN A 99 9.22 22.67 20.89
C10 A1EJR A 100 0.33 27.42 12.74
C13 A1EJR A 100 3.93 27.57 11.50
C15 A1EJR A 100 6.70 27.66 11.76
C04 A1EJR A 100 -3.72 25.30 11.42
C05 A1EJR A 100 -2.22 25.66 11.21
C06 A1EJR A 100 -1.90 27.13 11.54
C07 A1EJR A 100 -0.37 27.27 11.55
C08 A1EJR A 100 0.33 27.20 10.35
C09 A1EJR A 100 1.70 27.30 10.31
C11 A1EJR A 100 1.71 27.51 12.72
C12 A1EJR A 100 2.39 27.46 11.51
C19 A1EJR A 100 4.65 27.73 15.68
C01 A1EJR A 100 -4.93 21.56 11.16
C03 A1EJR A 100 -4.05 23.89 10.84
C14 A1EJR A 100 5.12 27.64 11.57
C16 A1EJR A 100 7.18 27.97 13.00
C18 A1EJR A 100 5.67 27.18 14.71
C22 A1EJR A 100 8.55 28.04 13.22
C24 A1EJR A 100 9.44 27.78 12.20
C25 A1EJR A 100 8.97 27.46 10.95
C26 A1EJR A 100 9.98 27.15 9.79
C27 A1EJR A 100 7.59 27.39 10.73
C29 A1EJR A 100 -0.60 23.72 11.52
C30 A1EJR A 100 0.34 22.93 12.54
C31 A1EJR A 100 1.34 23.63 13.18
C32 A1EJR A 100 2.18 22.96 14.08
CE A1EJR A 100 4.98 22.18 16.65
CD A1EJR A 100 4.96 23.43 17.64
CG A1EJR A 100 6.38 23.77 18.18
CB A1EJR A 100 6.38 24.52 19.50
CA A1EJR A 100 7.76 24.35 20.21
C A1EJR A 100 8.01 25.46 21.22
C43 A1EJR A 100 2.01 21.60 14.32
C44 A1EJR A 100 1.00 20.90 13.68
C45 A1EJR A 100 0.16 21.56 12.79
C46 A1EJR A 100 3.03 21.25 15.28
N02 A1EJR A 100 -4.61 22.88 11.71
N28 A1EJR A 100 -1.36 24.86 12.05
N33 A1EJR A 100 3.43 23.44 14.98
NZ A1EJR A 100 3.86 22.25 15.68
N A1EJR A 100 7.84 23.05 20.84
O17 A1EJR A 100 6.29 28.27 14.07
O20 A1EJR A 100 4.02 26.94 16.44
O21 A1EJR A 100 4.45 28.98 15.73
O A1EJR A 100 8.39 26.53 20.85
O47 A1EJR A 100 3.13 20.15 15.68
O48 A1EJR A 100 -0.65 23.39 10.38
O49 A1EJR A 100 -3.84 23.65 9.66
BR23 A1EJR A 100 9.20 28.51 15.04
N ALA A 101 7.80 25.21 22.61
CA ALA A 101 8.14 26.33 23.50
C ALA A 101 9.64 26.46 23.74
N GLU A 102 10.41 25.53 23.19
CA GLU A 102 11.86 25.54 23.38
C GLU A 102 12.58 26.29 22.28
N THR A 103 12.01 26.36 21.08
CA THR A 103 12.73 26.95 19.96
C THR A 103 12.90 28.45 20.14
N ALA A 104 11.97 29.11 20.82
CA ALA A 104 12.12 30.54 21.10
C ALA A 104 13.28 30.81 22.05
N ALA A 105 13.55 29.89 22.98
CA ALA A 105 14.69 30.05 23.86
C ALA A 105 15.99 29.70 23.15
N LYS A 106 15.95 28.69 22.28
CA LYS A 106 17.18 28.26 21.61
C LYS A 106 17.62 29.26 20.54
N HIS A 107 16.68 29.71 19.69
CA HIS A 107 17.01 30.44 18.46
C HIS A 107 16.58 31.90 18.46
N GLY A 108 15.81 32.35 19.43
CA GLY A 108 15.48 33.76 19.54
C GLY A 108 14.12 34.10 18.96
N GLU A 109 13.47 35.10 19.58
CA GLU A 109 12.13 35.48 19.16
C GLU A 109 12.12 36.11 17.77
N ALA A 110 13.18 36.83 17.41
CA ALA A 110 13.23 37.48 16.11
C ALA A 110 13.30 36.46 14.97
N GLN A 111 14.09 35.39 15.15
CA GLN A 111 14.19 34.38 14.11
C GLN A 111 12.89 33.59 13.99
N VAL A 112 12.21 33.34 15.12
CA VAL A 112 10.92 32.65 15.09
C VAL A 112 9.90 33.46 14.30
N LYS A 113 9.86 34.80 14.52
CA LYS A 113 8.96 35.64 13.75
C LYS A 113 9.28 35.57 12.26
N ILE A 114 10.56 35.75 11.91
CA ILE A 114 10.94 35.72 10.50
C ILE A 114 10.57 34.39 9.84
N TRP A 115 10.88 33.27 10.51
CA TRP A 115 10.62 31.96 9.92
C TRP A 115 9.13 31.72 9.74
N ARG A 116 8.30 32.20 10.68
CA ARG A 116 6.86 32.06 10.51
C ARG A 116 6.33 32.96 9.40
N ARG A 117 6.96 34.10 9.15
CA ARG A 117 6.38 35.07 8.23
C ARG A 117 6.72 34.81 6.76
N SER A 118 7.82 34.13 6.46
CA SER A 118 8.45 34.25 5.15
C SER A 118 8.20 33.04 4.25
N TYR A 119 8.04 33.31 2.95
CA TYR A 119 7.89 32.27 1.93
C TYR A 119 9.21 31.62 1.57
N ASP A 120 10.35 32.33 1.71
CA ASP A 120 11.61 31.88 1.12
C ASP A 120 12.82 31.91 2.07
N VAL A 121 12.62 31.95 3.38
CA VAL A 121 13.73 31.89 4.34
C VAL A 121 13.75 30.50 4.96
N PRO A 122 14.84 29.74 4.86
CA PRO A 122 14.88 28.37 5.42
C PRO A 122 15.23 28.37 6.90
N PRO A 123 14.87 27.32 7.64
CA PRO A 123 15.38 27.13 9.00
C PRO A 123 16.84 26.70 8.97
N PRO A 124 17.51 26.56 10.12
CA PRO A 124 18.94 26.17 10.10
C PRO A 124 19.12 24.73 9.63
N PRO A 125 20.30 24.40 9.09
CA PRO A 125 20.51 23.05 8.55
C PRO A 125 20.66 21.99 9.64
N MET A 126 20.34 20.74 9.24
CA MET A 126 20.54 19.57 10.08
C MET A 126 21.97 19.09 9.86
N GLU A 127 22.84 19.32 10.85
CA GLU A 127 24.25 18.98 10.73
C GLU A 127 24.51 17.59 11.28
N PRO A 128 25.69 17.01 11.01
CA PRO A 128 25.96 15.63 11.43
C PRO A 128 25.94 15.39 12.93
N ASP A 129 26.09 16.42 13.76
CA ASP A 129 25.97 16.20 15.20
C ASP A 129 24.53 16.33 15.70
N HIS A 130 23.57 16.61 14.82
CA HIS A 130 22.16 16.67 15.23
C HIS A 130 21.65 15.28 15.62
N PRO A 131 20.88 15.14 16.70
CA PRO A 131 20.48 13.80 17.18
C PRO A 131 19.64 13.00 16.20
N PHE A 132 19.04 13.61 15.18
CA PHE A 132 18.27 12.85 14.21
C PHE A 132 18.91 12.83 12.81
N TYR A 133 20.17 13.27 12.70
CA TYR A 133 20.88 13.28 11.42
C TYR A 133 21.01 11.86 10.84
N SER A 134 21.53 10.91 11.63
CA SER A 134 21.71 9.55 11.13
C SER A 134 20.38 8.86 10.83
N ASN A 135 19.36 9.12 11.67
CA ASN A 135 18.04 8.52 11.50
C ASN A 135 17.39 8.89 10.16
N ILE A 136 17.67 10.09 9.64
CA ILE A 136 16.99 10.62 8.45
C ILE A 136 17.93 10.68 7.23
N SER A 137 19.03 11.45 7.33
CA SER A 137 19.92 11.65 6.19
C SER A 137 20.62 10.37 5.76
N LYS A 138 20.83 9.40 6.66
CA LYS A 138 21.46 8.14 6.28
C LYS A 138 20.48 6.98 6.18
N ASP A 139 19.17 7.24 6.18
CA ASP A 139 18.18 6.18 5.96
C ASP A 139 18.29 5.66 4.52
N ARG A 140 18.30 4.33 4.35
CA ARG A 140 18.50 3.75 3.01
C ARG A 140 17.37 4.05 2.02
N ARG A 141 16.19 4.50 2.48
CA ARG A 141 15.13 4.85 1.53
C ARG A 141 15.51 6.06 0.67
N TYR A 142 16.50 6.86 1.07
CA TYR A 142 16.98 7.98 0.26
C TYR A 142 18.32 7.71 -0.44
N ALA A 143 18.75 6.44 -0.54
CA ALA A 143 20.08 6.16 -1.08
C ALA A 143 20.22 6.48 -2.56
N ASP A 144 19.12 6.53 -3.31
CA ASP A 144 19.18 6.81 -4.75
C ASP A 144 19.05 8.29 -5.10
N LEU A 145 19.15 9.18 -4.13
CA LEU A 145 19.11 10.61 -4.39
C LEU A 145 20.51 11.14 -4.63
N THR A 146 20.63 12.13 -5.51
CA THR A 146 21.90 12.83 -5.68
C THR A 146 22.17 13.70 -4.45
N GLU A 147 23.46 14.07 -4.29
CA GLU A 147 23.84 14.95 -3.19
C GLU A 147 23.09 16.28 -3.26
N ASP A 148 22.72 16.70 -4.46
CA ASP A 148 21.98 17.95 -4.63
C ASP A 148 20.52 17.81 -4.22
N GLN A 149 19.93 16.63 -4.41
CA GLN A 149 18.50 16.46 -4.12
C GLN A 149 18.22 16.29 -2.62
N LEU A 150 19.17 15.72 -1.86
CA LEU A 150 18.91 15.42 -0.45
C LEU A 150 18.99 16.71 0.37
N PRO A 151 17.89 17.17 0.95
CA PRO A 151 17.90 18.45 1.65
C PRO A 151 18.41 18.36 3.08
N SER A 152 19.09 19.44 3.50
CA SER A 152 19.40 19.61 4.93
C SER A 152 18.40 20.54 5.62
N CYS A 153 17.52 21.21 4.88
CA CYS A 153 16.52 22.15 5.37
C CYS A 153 15.77 22.71 4.17
N GLU A 154 14.60 23.30 4.42
CA GLU A 154 13.73 23.73 3.32
C GLU A 154 12.89 24.93 3.74
N SER A 155 12.82 25.95 2.89
CA SER A 155 11.75 26.94 2.95
C SER A 155 10.51 26.39 2.26
N LEU A 156 9.39 27.11 2.35
CA LEU A 156 8.18 26.67 1.64
C LEU A 156 8.42 26.65 0.13
N LYS A 157 9.11 27.68 -0.38
CA LYS A 157 9.44 27.74 -1.81
C LYS A 157 10.22 26.49 -2.25
N ASP A 158 11.16 26.03 -1.42
CA ASP A 158 11.93 24.80 -1.71
C ASP A 158 11.03 23.58 -1.80
N THR A 159 10.14 23.40 -0.81
CA THR A 159 9.24 22.24 -0.79
C THR A 159 8.39 22.20 -2.05
N ILE A 160 7.80 23.35 -2.41
CA ILE A 160 6.94 23.40 -3.60
C ILE A 160 7.77 23.12 -4.86
N ALA A 161 9.01 23.62 -4.90
CA ALA A 161 9.84 23.44 -6.09
C ALA A 161 10.25 21.99 -6.31
N ARG A 162 10.39 21.20 -5.23
CA ARG A 162 10.68 19.78 -5.43
C ARG A 162 9.43 18.89 -5.53
N ALA A 163 8.23 19.38 -5.16
CA ALA A 163 7.01 18.60 -5.38
C ALA A 163 6.46 18.74 -6.81
N LEU A 164 6.48 19.95 -7.38
CA LEU A 164 5.85 20.16 -8.69
C LEU A 164 6.41 19.33 -9.85
N PRO A 165 7.72 18.99 -9.93
CA PRO A 165 8.15 18.11 -11.05
C PRO A 165 7.49 16.73 -11.05
N PHE A 166 7.18 16.18 -9.87
CA PHE A 166 6.46 14.91 -9.84
C PHE A 166 5.03 15.07 -10.34
N TRP A 167 4.34 16.14 -9.93
CA TRP A 167 3.03 16.46 -10.50
C TRP A 167 3.09 16.47 -12.03
N ASN A 168 3.95 17.34 -12.57
CA ASN A 168 4.08 17.55 -14.01
C ASN A 168 4.38 16.25 -14.75
N GLU A 169 5.34 15.48 -14.27
CA GLU A 169 5.88 14.38 -15.06
C GLU A 169 5.16 13.06 -14.84
N GLU A 170 4.61 12.80 -13.65
CA GLU A 170 3.99 11.51 -13.37
C GLU A 170 2.48 11.58 -13.18
N ILE A 171 1.94 12.65 -12.61
CA ILE A 171 0.51 12.62 -12.27
C ILE A 171 -0.34 13.18 -13.41
N VAL A 172 0.09 14.28 -14.03
CA VAL A 172 -0.69 14.89 -15.11
C VAL A 172 -0.96 13.93 -16.27
N PRO A 173 0.01 13.13 -16.74
CA PRO A 173 -0.31 12.20 -17.84
C PRO A 173 -1.31 11.11 -17.47
N GLN A 174 -1.35 10.67 -16.20
CA GLN A 174 -2.42 9.77 -15.78
C GLN A 174 -3.78 10.46 -15.87
N ILE A 175 -3.87 11.71 -15.45
CA ILE A 175 -5.15 12.44 -15.50
C ILE A 175 -5.62 12.55 -16.95
N LYS A 176 -4.73 12.96 -17.87
CA LYS A 176 -5.13 13.11 -19.27
C LYS A 176 -5.50 11.77 -19.91
N GLU A 177 -4.97 10.66 -19.39
CA GLU A 177 -5.38 9.33 -19.83
C GLU A 177 -6.80 8.95 -19.36
N GLY A 178 -7.43 9.76 -18.51
CA GLY A 178 -8.74 9.44 -17.98
C GLY A 178 -8.75 8.69 -16.66
N LYS A 179 -7.60 8.49 -16.03
CA LYS A 179 -7.55 7.84 -14.73
C LYS A 179 -8.03 8.78 -13.60
N ARG A 180 -8.89 8.25 -12.73
CA ARG A 180 -9.37 8.93 -11.53
C ARG A 180 -8.30 8.80 -10.43
N VAL A 181 -7.69 9.92 -10.02
CA VAL A 181 -6.50 9.91 -9.16
C VAL A 181 -6.87 10.29 -7.72
N LEU A 182 -6.27 9.59 -6.75
CA LEU A 182 -6.30 9.95 -5.32
C LEU A 182 -4.87 10.22 -4.85
N ILE A 183 -4.67 11.34 -4.12
CA ILE A 183 -3.37 11.74 -3.55
C ILE A 183 -3.51 11.89 -2.03
N ALA A 184 -2.76 11.06 -1.26
CA ALA A 184 -2.69 11.12 0.20
C ALA A 184 -1.30 11.61 0.63
N ALA A 185 -1.21 12.83 1.14
CA ALA A 185 0.08 13.43 1.47
C ALA A 185 0.05 14.34 2.70
N HIS A 186 0.87 15.40 2.70
CA HIS A 186 1.07 16.26 3.85
C HIS A 186 0.67 17.69 3.53
N GLY A 187 0.60 18.53 4.57
CA GLY A 187 0.14 19.91 4.40
C GLY A 187 0.91 20.73 3.37
N ASN A 188 2.24 20.81 3.49
CA ASN A 188 3.03 21.72 2.64
C ASN A 188 3.24 21.19 1.21
N SER A 189 3.36 19.86 1.04
CA SER A 189 3.43 19.31 -0.33
C SER A 189 2.09 19.43 -1.06
N LEU A 190 0.96 19.30 -0.36
CA LEU A 190 -0.33 19.56 -1.02
C LEU A 190 -0.53 21.04 -1.30
N ARG A 191 -0.01 21.94 -0.45
CA ARG A 191 -0.04 23.36 -0.76
C ARG A 191 0.59 23.66 -2.12
N GLY A 192 1.69 22.96 -2.44
CA GLY A 192 2.28 23.12 -3.78
C GLY A 192 1.30 22.88 -4.91
N ILE A 193 0.56 21.76 -4.82
CA ILE A 193 -0.42 21.41 -5.86
C ILE A 193 -1.53 22.44 -5.92
N VAL A 194 -2.04 22.86 -4.76
CA VAL A 194 -3.14 23.81 -4.74
C VAL A 194 -2.72 25.14 -5.38
N LYS A 195 -1.53 25.65 -4.99
CA LYS A 195 -1.01 26.90 -5.56
C LYS A 195 -0.90 26.81 -7.07
N HIS A 196 -0.41 25.68 -7.58
CA HIS A 196 -0.29 25.56 -9.04
C HIS A 196 -1.65 25.50 -9.71
N LEU A 197 -2.62 24.77 -9.13
CA LEU A 197 -3.92 24.61 -9.77
C LEU A 197 -4.71 25.91 -9.77
N GLU A 198 -4.77 26.61 -8.65
CA GLU A 198 -5.65 27.77 -8.49
C GLU A 198 -4.97 29.09 -8.81
N GLY A 199 -3.67 29.09 -9.08
CA GLY A 199 -2.93 30.30 -9.38
C GLY A 199 -2.84 31.29 -8.23
N LEU A 200 -2.66 30.79 -7.00
CA LEU A 200 -2.69 31.63 -5.81
C LEU A 200 -1.37 32.36 -5.59
N SER A 201 -1.44 33.49 -4.89
CA SER A 201 -0.23 34.22 -4.52
C SER A 201 0.53 33.52 -3.39
N GLU A 202 1.78 33.95 -3.17
CA GLU A 202 2.56 33.46 -2.03
C GLU A 202 1.86 33.78 -0.70
N GLU A 203 1.36 35.01 -0.58
CA GLU A 203 0.67 35.46 0.64
C GLU A 203 -0.57 34.60 0.93
N ALA A 204 -1.40 34.39 -0.08
CA ALA A 204 -2.62 33.58 0.09
C ALA A 204 -2.28 32.14 0.43
N ILE A 205 -1.28 31.55 -0.24
CA ILE A 205 -0.99 30.14 0.00
C ILE A 205 -0.39 29.95 1.38
N MET A 206 0.35 30.95 1.88
CA MET A 206 0.81 30.88 3.26
C MET A 206 -0.35 31.00 4.24
N GLU A 207 -1.46 31.65 3.86
CA GLU A 207 -2.59 31.69 4.78
C GLU A 207 -3.58 30.54 4.61
N LEU A 208 -3.37 29.63 3.68
CA LEU A 208 -4.31 28.53 3.45
C LEU A 208 -3.84 27.32 4.24
N ASN A 209 -4.62 26.92 5.23
CA ASN A 209 -4.39 25.69 5.97
C ASN A 209 -5.52 24.71 5.63
N LEU A 210 -5.17 23.56 5.12
CA LEU A 210 -6.14 22.57 4.74
C LEU A 210 -6.62 21.81 5.99
N PRO A 211 -7.90 21.44 6.04
CA PRO A 211 -8.38 20.57 7.11
C PRO A 211 -7.80 19.16 6.99
N THR A 212 -7.74 18.47 8.12
CA THR A 212 -7.19 17.11 8.14
C THR A 212 -8.28 16.05 8.05
N GLY A 213 -8.03 14.97 7.29
CA GLY A 213 -8.98 13.88 7.24
C GLY A 213 -10.27 14.16 6.50
N ILE A 214 -10.40 15.32 5.85
CA ILE A 214 -11.57 15.69 5.05
C ILE A 214 -11.16 15.62 3.58
N PRO A 215 -11.83 14.81 2.76
CA PRO A 215 -11.49 14.75 1.33
C PRO A 215 -11.73 16.07 0.59
N ILE A 216 -10.75 16.46 -0.23
CA ILE A 216 -10.76 17.72 -0.98
C ILE A 216 -10.97 17.39 -2.46
N VAL A 217 -12.03 17.94 -3.09
CA VAL A 217 -12.46 17.52 -4.43
C VAL A 217 -12.33 18.67 -5.43
N TYR A 218 -11.69 18.39 -6.58
CA TYR A 218 -11.52 19.30 -7.71
C TYR A 218 -12.20 18.74 -8.95
N GLU A 219 -13.01 19.59 -9.61
CA GLU A 219 -13.55 19.32 -10.94
C GLU A 219 -12.75 20.15 -11.95
N LEU A 220 -12.09 19.48 -12.89
CA LEU A 220 -11.21 20.15 -13.85
C LEU A 220 -11.77 20.15 -15.28
N LYS A 222 -10.68 20.46 -19.53
CA LYS A 222 -9.84 19.76 -20.50
C LYS A 222 -8.40 20.23 -20.42
N ASN A 223 -8.23 21.51 -20.05
CA ASN A 223 -6.93 22.11 -19.86
C ASN A 223 -6.45 22.04 -18.42
N LEU A 224 -7.07 21.20 -17.59
CA LEU A 224 -6.70 21.01 -16.18
C LEU A 224 -6.89 22.27 -15.33
N LYS A 225 -7.78 23.12 -15.72
CA LYS A 225 -8.12 24.33 -14.96
C LYS A 225 -9.34 24.07 -14.07
N PRO A 226 -9.30 24.43 -12.78
CA PRO A 226 -10.46 24.15 -11.91
C PRO A 226 -11.71 24.88 -12.41
N ILE A 227 -12.83 24.16 -12.42
CA ILE A 227 -14.11 24.76 -12.80
C ILE A 227 -14.69 25.60 -11.66
N LYS A 228 -14.41 25.22 -10.42
CA LYS A 228 -14.66 26.04 -9.24
C LYS A 228 -13.60 25.66 -8.21
N PRO A 229 -13.45 26.46 -7.14
CA PRO A 229 -12.38 26.15 -6.18
C PRO A 229 -12.66 24.90 -5.36
N MET A 230 -11.71 24.49 -4.54
CA MET A 230 -11.82 23.24 -3.80
C MET A 230 -13.12 23.15 -3.01
N GLN A 231 -13.75 21.97 -3.06
CA GLN A 231 -14.94 21.64 -2.28
C GLN A 231 -14.63 20.49 -1.32
N PHE A 232 -15.38 20.42 -0.22
CA PHE A 232 -15.13 19.44 0.84
C PHE A 232 -16.27 18.43 0.95
N LEU A 233 -15.91 17.18 1.18
CA LEU A 233 -16.87 16.08 1.25
C LEU A 233 -17.11 15.69 2.72
N GLY A 234 -18.38 15.65 3.12
CA GLY A 234 -18.71 15.24 4.47
C GLY A 234 -19.98 15.93 4.95
N ASP A 235 -20.36 15.60 6.18
CA ASP A 235 -21.52 16.25 6.78
C ASP A 235 -21.31 17.75 6.85
N GLU A 236 -22.35 18.50 6.47
CA GLU A 236 -22.24 19.95 6.37
C GLU A 236 -21.80 20.58 7.68
N GLU A 237 -22.35 20.10 8.80
CA GLU A 237 -22.04 20.72 10.09
C GLU A 237 -20.62 20.40 10.53
N THR A 238 -20.20 19.13 10.45
CA THR A 238 -18.83 18.79 10.82
C THR A 238 -17.80 19.53 9.96
N VAL A 239 -18.11 19.78 8.69
CA VAL A 239 -17.17 20.52 7.83
C VAL A 239 -17.07 21.98 8.28
N ARG A 240 -18.21 22.62 8.54
CA ARG A 240 -18.19 24.03 8.94
C ARG A 240 -17.35 24.24 10.19
N LYS A 241 -17.44 23.31 11.15
CA LYS A 241 -16.73 23.48 12.42
C LYS A 241 -15.22 23.31 12.26
N ALA A 242 -14.80 22.33 11.45
CA ALA A 242 -13.37 22.13 11.21
C ALA A 242 -12.73 23.34 10.53
N MET A 243 -13.42 23.97 9.57
CA MET A 243 -12.85 25.15 8.91
C MET A 243 -12.80 26.36 9.85
N GLU A 244 -13.82 26.53 10.70
CA GLU A 244 -13.73 27.58 11.71
C GLU A 244 -12.54 27.35 12.64
N ALA A 245 -12.32 26.08 13.04
CA ALA A 245 -11.22 25.76 13.93
C ALA A 245 -9.87 26.08 13.29
N VAL A 246 -9.68 25.65 12.03
CA VAL A 246 -8.42 25.90 11.32
C VAL A 246 -8.19 27.40 11.10
N ALA A 247 -9.26 28.15 10.75
CA ALA A 247 -9.11 29.60 10.63
C ALA A 247 -8.68 30.24 11.94
N ALA A 248 -9.27 29.80 13.07
CA ALA A 248 -8.92 30.43 14.34
C ALA A 248 -7.49 30.09 14.76
N GLN A 249 -7.04 28.86 14.48
CA GLN A 249 -5.65 28.49 14.76
C GLN A 249 -4.69 29.31 13.91
N GLY A 250 -5.07 29.59 12.66
CA GLY A 250 -4.23 30.44 11.83
C GLY A 250 -4.14 31.85 12.36
N LYS A 251 -5.29 32.43 12.71
CA LYS A 251 -5.32 33.80 13.21
C LYS A 251 -4.59 33.96 14.53
N ALA A 252 -4.62 32.94 15.40
CA ALA A 252 -3.96 33.07 16.69
C ALA A 252 -2.44 33.14 16.54
N LYS A 253 -1.90 32.56 15.48
CA LYS A 253 -0.46 32.57 15.30
C LYS A 253 0.08 33.87 14.72
N LYS A 254 -0.73 34.93 14.63
CA LYS A 254 -0.23 36.23 14.19
C LYS A 254 -0.52 37.31 15.25
N ALA B 2 27.76 -15.85 -2.45
CA ALA B 2 26.60 -14.98 -2.26
C ALA B 2 25.34 -15.51 -2.97
N ALA B 3 24.80 -16.60 -2.45
CA ALA B 3 23.53 -17.13 -2.97
C ALA B 3 22.42 -16.08 -2.84
N TYR B 4 21.65 -15.86 -3.91
CA TYR B 4 20.46 -15.02 -3.80
C TYR B 4 19.55 -15.55 -2.69
N LYS B 5 18.83 -14.64 -2.02
CA LYS B 5 17.87 -15.00 -0.99
C LYS B 5 16.46 -14.56 -1.39
N LEU B 6 15.50 -15.50 -1.39
CA LEU B 6 14.11 -15.22 -1.75
C LEU B 6 13.17 -15.66 -0.62
N VAL B 7 12.16 -14.84 -0.28
CA VAL B 7 11.21 -15.15 0.79
C VAL B 7 9.78 -15.16 0.25
N LEU B 8 9.02 -16.22 0.61
CA LEU B 8 7.60 -16.39 0.29
C LEU B 8 6.77 -16.46 1.57
N ILE B 9 5.49 -16.08 1.48
CA ILE B 9 4.55 -16.25 2.60
C ILE B 9 3.14 -16.48 2.07
N ARG B 10 2.49 -17.56 2.53
CA ARG B 10 1.09 -17.87 2.24
C ARG B 10 0.18 -17.24 3.30
N HIS B 11 -0.94 -16.64 2.86
CA HIS B 11 -1.87 -16.03 3.83
C HIS B 11 -2.53 -17.08 4.71
N GLY B 12 -3.00 -16.65 5.87
CA GLY B 12 -3.68 -17.51 6.83
C GLY B 12 -5.19 -17.60 6.66
N GLU B 13 -5.83 -18.08 7.73
CA GLU B 13 -7.25 -18.42 7.72
C GLU B 13 -8.11 -17.23 7.28
N SER B 14 -9.14 -17.52 6.48
CA SER B 14 -10.07 -16.53 5.96
C SER B 14 -11.45 -16.70 6.58
N ALA B 15 -12.31 -15.68 6.38
CA ALA B 15 -13.66 -15.73 6.91
C ALA B 15 -14.45 -16.90 6.34
N TRP B 16 -14.18 -17.26 5.09
CA TRP B 16 -14.91 -18.36 4.46
C TRP B 16 -14.34 -19.73 4.84
N ASN B 17 -13.07 -19.80 5.25
CA ASN B 17 -12.56 -21.06 5.82
C ASN B 17 -13.39 -21.48 7.02
N LEU B 18 -13.77 -20.52 7.86
CA LEU B 18 -14.55 -20.80 9.06
C LEU B 18 -15.93 -21.36 8.75
N GLU B 19 -16.44 -21.18 7.53
CA GLU B 19 -17.70 -21.79 7.10
C GLU B 19 -17.51 -23.01 6.20
N ASN B 20 -16.26 -23.42 5.96
CA ASN B 20 -15.91 -24.51 5.03
C ASN B 20 -16.47 -24.30 3.62
N ARG B 21 -16.44 -23.05 3.13
CA ARG B 21 -16.93 -22.69 1.79
C ARG B 21 -15.77 -22.43 0.83
N PHE B 22 -15.91 -22.89 -0.42
CA PHE B 22 -14.89 -22.65 -1.46
C PHE B 22 -14.82 -21.15 -1.80
N SER B 23 -13.63 -20.55 -1.70
CA SER B 23 -13.46 -19.12 -2.02
C SER B 23 -13.01 -18.87 -3.45
N GLY B 24 -11.83 -19.38 -3.82
CA GLY B 24 -11.34 -19.14 -5.18
C GLY B 24 -11.13 -17.66 -5.46
N TRP B 25 -11.74 -17.16 -6.54
CA TRP B 25 -11.57 -15.75 -6.87
C TRP B 25 -12.51 -14.84 -6.08
N TYR B 26 -13.42 -15.38 -5.27
CA TYR B 26 -14.21 -14.53 -4.37
C TYR B 26 -13.26 -13.84 -3.38
N ASP B 27 -13.51 -12.55 -3.10
CA ASP B 27 -12.54 -11.69 -2.40
C ASP B 27 -12.78 -11.64 -0.88
N ALA B 28 -12.74 -12.81 -0.24
CA ALA B 28 -12.97 -12.91 1.21
C ALA B 28 -11.82 -12.31 2.03
N ASP B 29 -12.15 -11.63 3.15
CA ASP B 29 -11.12 -11.07 4.04
C ASP B 29 -10.54 -12.15 4.96
N LEU B 30 -9.42 -11.83 5.62
CA LEU B 30 -8.86 -12.69 6.68
C LEU B 30 -9.80 -12.73 7.89
N SER B 31 -9.75 -13.84 8.64
CA SER B 31 -10.35 -13.89 9.96
C SER B 31 -9.43 -13.24 10.98
N PRO B 32 -9.91 -12.98 12.21
CA PRO B 32 -9.00 -12.45 13.24
C PRO B 32 -7.79 -13.34 13.50
N ALA B 33 -7.98 -14.67 13.49
CA ALA B 33 -6.86 -15.59 13.65
C ALA B 33 -5.86 -15.49 12.51
N GLY B 34 -6.34 -15.29 11.27
CA GLY B 34 -5.42 -15.20 10.15
C GLY B 34 -4.58 -13.93 10.20
N HIS B 35 -5.19 -12.83 10.63
CA HIS B 35 -4.44 -11.60 10.90
C HIS B 35 -3.37 -11.83 11.98
N GLU B 36 -3.73 -12.49 13.08
CA GLU B 36 -2.75 -12.80 14.12
C GLU B 36 -1.58 -13.64 13.57
N GLU B 37 -1.88 -14.63 12.72
CA GLU B 37 -0.83 -15.39 12.04
C GLU B 37 0.15 -14.47 11.32
N ALA B 38 -0.38 -13.52 10.55
CA ALA B 38 0.50 -12.63 9.79
C ALA B 38 1.38 -11.77 10.72
N LYS B 39 0.80 -11.31 11.85
CA LYS B 39 1.62 -10.57 12.82
C LYS B 39 2.78 -11.41 13.35
N ARG B 40 2.54 -12.70 13.63
CA ARG B 40 3.63 -13.56 14.12
C ARG B 40 4.70 -13.78 13.04
N GLY B 41 4.29 -13.96 11.79
CA GLY B 41 5.28 -14.08 10.71
C GLY B 41 6.13 -12.83 10.53
N GLY B 42 5.50 -11.65 10.63
CA GLY B 42 6.26 -10.41 10.55
C GLY B 42 7.25 -10.26 11.70
N GLN B 43 6.83 -10.63 12.91
CA GLN B 43 7.74 -10.56 14.05
C GLN B 43 8.92 -11.53 13.88
N ALA B 44 8.70 -12.67 13.23
CA ALA B 44 9.82 -13.57 12.96
C ALA B 44 10.82 -12.93 12.00
N LEU B 45 10.33 -12.26 10.95
CA LEU B 45 11.23 -11.56 10.03
C LEU B 45 11.98 -10.42 10.73
N ARG B 46 11.27 -9.65 11.57
CA ARG B 46 11.90 -8.57 12.33
C ARG B 46 13.02 -9.11 13.22
N ASP B 47 12.74 -10.15 14.01
CA ASP B 47 13.76 -10.71 14.90
C ASP B 47 14.97 -11.22 14.13
N ALA B 48 14.76 -11.77 12.91
CA ALA B 48 15.92 -12.20 12.12
C ALA B 48 16.62 -11.06 11.37
N GLY B 49 16.10 -9.83 11.41
CA GLY B 49 16.74 -8.69 10.77
C GLY B 49 16.66 -8.61 9.25
N TYR B 50 15.62 -9.16 8.63
CA TYR B 50 15.53 -9.19 7.17
C TYR B 50 15.19 -7.82 6.59
N GLU B 51 15.74 -7.54 5.40
CA GLU B 51 15.47 -6.32 4.64
C GLU B 51 15.12 -6.66 3.19
N PHE B 52 14.11 -5.99 2.64
CA PHE B 52 13.67 -6.22 1.26
C PHE B 52 13.81 -4.95 0.43
N ASP B 53 13.79 -5.13 -0.91
CA ASP B 53 13.79 -4.01 -1.84
C ASP B 53 12.52 -3.86 -2.68
N ILE B 54 11.73 -4.92 -2.85
CA ILE B 54 10.49 -4.85 -3.66
C ILE B 54 9.59 -6.03 -3.29
N CYS B 55 8.26 -5.81 -3.35
CA CYS B 55 7.26 -6.81 -2.95
C CYS B 55 6.25 -7.06 -4.08
N PHE B 56 5.81 -8.33 -4.20
CA PHE B 56 4.80 -8.73 -5.18
C PHE B 56 3.64 -9.44 -4.48
N THR B 57 2.40 -9.18 -4.92
CA THR B 57 1.23 -9.83 -4.34
C THR B 57 0.12 -9.90 -5.41
N SER B 58 -1.04 -10.48 -5.03
CA SER B 58 -2.18 -10.64 -5.96
C SER B 58 -3.11 -9.42 -5.90
N VAL B 59 -4.30 -9.50 -6.53
CA VAL B 59 -5.34 -8.46 -6.40
C VAL B 59 -6.41 -8.85 -5.38
N GLN B 60 -6.13 -9.79 -4.48
CA GLN B 60 -7.11 -10.25 -3.50
C GLN B 60 -6.72 -9.78 -2.09
N LYS B 61 -7.73 -9.29 -1.34
CA LYS B 61 -7.44 -8.55 -0.11
C LYS B 61 -6.88 -9.43 1.02
N ARG B 62 -7.11 -10.75 1.04
CA ARG B 62 -6.52 -11.56 2.12
C ARG B 62 -4.98 -11.64 1.98
N ALA B 63 -4.48 -11.71 0.73
CA ALA B 63 -3.03 -11.64 0.52
C ALA B 63 -2.48 -10.22 0.72
N ILE B 64 -3.19 -9.20 0.20
CA ILE B 64 -2.71 -7.82 0.37
C ILE B 64 -2.65 -7.46 1.85
N ARG B 65 -3.68 -7.81 2.63
CA ARG B 65 -3.64 -7.51 4.07
C ARG B 65 -2.51 -8.28 4.78
N THR B 66 -2.22 -9.53 4.35
CA THR B 66 -1.06 -10.21 4.93
C THR B 66 0.24 -9.40 4.70
N LEU B 67 0.46 -8.96 3.45
CA LEU B 67 1.66 -8.18 3.14
C LEU B 67 1.71 -6.88 3.97
N TRP B 68 0.58 -6.16 4.04
CA TRP B 68 0.54 -4.91 4.83
C TRP B 68 0.95 -5.16 6.27
N THR B 69 0.44 -6.25 6.88
CA THR B 69 0.78 -6.57 8.27
C THR B 69 2.29 -6.84 8.43
N VAL B 70 2.89 -7.56 7.47
CA VAL B 70 4.33 -7.85 7.55
C VAL B 70 5.15 -6.57 7.45
N LEU B 71 4.85 -5.71 6.46
CA LEU B 71 5.61 -4.48 6.28
C LEU B 71 5.49 -3.59 7.52
N ASP B 72 4.32 -3.57 8.16
CA ASP B 72 4.18 -2.84 9.42
C ASP B 72 5.12 -3.40 10.48
N ALA B 73 5.13 -4.73 10.66
CA ALA B 73 5.97 -5.34 11.68
C ALA B 73 7.46 -5.07 11.46
N ILE B 74 7.92 -5.01 10.20
CA ILE B 74 9.36 -4.84 9.97
C ILE B 74 9.75 -3.37 9.69
N ASP B 75 8.81 -2.41 9.79
CA ASP B 75 9.11 -0.98 9.56
C ASP B 75 9.61 -0.72 8.14
N GLN B 76 8.98 -1.36 7.15
CA GLN B 76 9.34 -1.16 5.75
C GLN B 76 8.09 -0.83 4.91
N MET B 77 7.22 0.04 5.45
CA MET B 77 5.98 0.43 4.76
C MET B 77 6.24 1.24 3.50
N TRP B 78 7.45 1.77 3.33
CA TRP B 78 7.80 2.66 2.21
C TRP B 78 8.22 1.90 0.95
N LEU B 79 8.31 0.56 1.00
CA LEU B 79 8.81 -0.21 -0.15
C LEU B 79 7.82 -0.21 -1.32
N PRO B 80 8.31 -0.30 -2.56
CA PRO B 80 7.40 -0.40 -3.71
C PRO B 80 6.67 -1.75 -3.73
N VAL B 81 5.39 -1.72 -4.11
CA VAL B 81 4.50 -2.89 -4.12
C VAL B 81 3.85 -3.02 -5.51
N VAL B 82 3.89 -4.23 -6.08
CA VAL B 82 3.28 -4.54 -7.38
C VAL B 82 2.22 -5.64 -7.20
N ARG B 83 0.98 -5.38 -7.66
CA ARG B 83 -0.13 -6.34 -7.61
C ARG B 83 -0.45 -6.91 -9.00
N THR B 84 -0.76 -8.21 -9.08
CA THR B 84 -1.14 -8.83 -10.36
C THR B 84 -2.14 -9.95 -10.18
N TRP B 85 -3.14 -10.00 -11.08
CA TRP B 85 -4.09 -11.12 -11.09
C TRP B 85 -3.42 -12.47 -11.32
N ARG B 86 -2.24 -12.50 -11.96
CA ARG B 86 -1.56 -13.77 -12.22
C ARG B 86 -1.10 -14.49 -10.95
N LEU B 87 -1.13 -13.83 -9.80
CA LEU B 87 -0.80 -14.47 -8.52
C LEU B 87 -2.03 -14.86 -7.69
N ASN B 88 -3.26 -14.66 -8.22
CA ASN B 88 -4.50 -15.04 -7.54
C ASN B 88 -4.55 -16.53 -7.19
N GLU B 89 -5.41 -16.86 -6.22
CA GLU B 89 -5.79 -18.24 -5.92
C GLU B 89 -6.46 -18.90 -7.13
N ARG B 90 -6.42 -20.23 -7.16
CA ARG B 90 -7.17 -21.02 -8.15
C ARG B 90 -8.65 -20.63 -8.20
N HIS B 91 -9.20 -20.54 -9.43
CA HIS B 91 -10.64 -20.27 -9.66
C HIS B 91 -11.43 -21.59 -9.59
N TYR B 92 -12.33 -21.72 -8.61
CA TYR B 92 -13.05 -22.96 -8.37
C TYR B 92 -14.37 -23.07 -9.15
N GLY B 93 -14.62 -22.16 -10.09
CA GLY B 93 -15.78 -22.33 -10.97
C GLY B 93 -17.10 -22.37 -10.23
N GLY B 94 -17.98 -23.29 -10.66
CA GLY B 94 -19.30 -23.44 -10.08
C GLY B 94 -19.32 -23.84 -8.60
N LEU B 95 -18.19 -24.33 -8.07
CA LEU B 95 -18.10 -24.67 -6.65
C LEU B 95 -17.97 -23.44 -5.76
N THR B 96 -17.62 -22.28 -6.32
CA THR B 96 -17.51 -21.06 -5.53
C THR B 96 -18.76 -20.82 -4.69
N GLY B 97 -18.57 -20.58 -3.38
CA GLY B 97 -19.68 -20.32 -2.49
C GLY B 97 -20.35 -21.53 -1.84
N LEU B 98 -20.09 -22.75 -2.32
CA LEU B 98 -20.68 -23.95 -1.71
C LEU B 98 -19.79 -24.47 -0.58
N ASN B 99 -20.41 -24.99 0.47
CA ASN B 99 -19.62 -25.73 1.44
C ASN B 99 -19.52 -27.20 1.00
N LYS B 100 -18.73 -27.98 1.75
CA LYS B 100 -18.40 -29.34 1.31
C LYS B 100 -19.62 -30.25 1.28
N ALA B 101 -20.53 -30.08 2.26
CA ALA B 101 -21.77 -30.83 2.27
C ALA B 101 -22.59 -30.59 1.01
N GLU B 102 -22.90 -29.33 0.72
CA GLU B 102 -23.67 -28.98 -0.47
C GLU B 102 -22.97 -29.46 -1.74
N THR B 103 -21.64 -29.41 -1.77
CA THR B 103 -20.90 -29.88 -2.94
C THR B 103 -21.12 -31.37 -3.18
N ALA B 104 -20.96 -32.19 -2.13
CA ALA B 104 -21.19 -33.63 -2.27
C ALA B 104 -22.65 -33.93 -2.64
N ALA B 105 -23.59 -33.18 -2.05
CA ALA B 105 -25.01 -33.43 -2.35
C ALA B 105 -25.36 -33.08 -3.79
N LYS B 106 -24.76 -32.03 -4.35
CA LYS B 106 -25.09 -31.60 -5.70
C LYS B 106 -24.34 -32.37 -6.79
N HIS B 107 -23.09 -32.78 -6.53
CA HIS B 107 -22.26 -33.36 -7.58
C HIS B 107 -21.85 -34.81 -7.34
N GLY B 108 -22.14 -35.39 -6.18
CA GLY B 108 -21.87 -36.79 -5.93
C GLY B 108 -20.44 -37.07 -5.47
N GLU B 109 -20.26 -38.24 -4.86
CA GLU B 109 -18.96 -38.55 -4.25
C GLU B 109 -17.90 -38.88 -5.29
N ALA B 110 -18.29 -39.48 -6.42
CA ALA B 110 -17.29 -39.89 -7.41
C ALA B 110 -16.62 -38.68 -8.06
N GLN B 111 -17.41 -37.69 -8.48
CA GLN B 111 -16.82 -36.49 -9.08
C GLN B 111 -15.97 -35.73 -8.07
N VAL B 112 -16.36 -35.75 -6.79
CA VAL B 112 -15.56 -35.13 -5.75
C VAL B 112 -14.18 -35.79 -5.66
N LYS B 113 -14.16 -37.13 -5.61
CA LYS B 113 -12.87 -37.82 -5.61
C LYS B 113 -12.04 -37.46 -6.84
N ILE B 114 -12.67 -37.45 -8.02
CA ILE B 114 -11.95 -37.09 -9.24
C ILE B 114 -11.33 -35.70 -9.12
N TRP B 115 -12.14 -34.70 -8.78
CA TRP B 115 -11.66 -33.31 -8.78
C TRP B 115 -10.55 -33.12 -7.75
N ARG B 116 -10.65 -33.77 -6.59
CA ARG B 116 -9.62 -33.62 -5.58
C ARG B 116 -8.32 -34.34 -5.97
N ARG B 117 -8.41 -35.44 -6.72
CA ARG B 117 -7.24 -36.26 -7.00
C ARG B 117 -6.55 -35.93 -8.31
N SER B 118 -7.01 -34.93 -9.06
CA SER B 118 -6.60 -34.76 -10.45
C SER B 118 -5.76 -33.50 -10.66
N TYR B 119 -4.70 -33.63 -11.45
CA TYR B 119 -3.85 -32.48 -11.77
C TYR B 119 -4.42 -31.62 -12.90
N ASP B 120 -5.24 -32.21 -13.79
CA ASP B 120 -5.60 -31.51 -15.02
C ASP B 120 -7.08 -31.59 -15.37
N VAL B 121 -7.96 -31.93 -14.43
CA VAL B 121 -9.39 -32.01 -14.65
C VAL B 121 -10.04 -30.84 -13.91
N PRO B 122 -10.65 -29.87 -14.61
CA PRO B 122 -11.22 -28.69 -13.92
C PRO B 122 -12.58 -29.00 -13.31
N PRO B 123 -13.02 -28.18 -12.35
CA PRO B 123 -14.39 -28.30 -11.82
C PRO B 123 -15.39 -27.69 -12.79
N PRO B 124 -16.69 -27.73 -12.49
CA PRO B 124 -17.68 -27.20 -13.43
C PRO B 124 -17.52 -25.70 -13.61
N PRO B 125 -17.89 -25.18 -14.78
CA PRO B 125 -17.76 -23.73 -15.02
C PRO B 125 -18.78 -22.91 -14.24
N MET B 126 -18.42 -21.64 -13.98
CA MET B 126 -19.33 -20.68 -13.38
C MET B 126 -20.11 -19.99 -14.51
N GLU B 127 -21.41 -20.23 -14.55
CA GLU B 127 -22.29 -19.78 -15.63
C GLU B 127 -23.16 -18.60 -15.21
N PRO B 128 -23.82 -17.94 -16.18
CA PRO B 128 -24.48 -16.65 -15.86
C PRO B 128 -25.57 -16.72 -14.82
N ASP B 129 -26.13 -17.90 -14.50
CA ASP B 129 -27.11 -18.00 -13.43
C ASP B 129 -26.49 -18.27 -12.06
N HIS B 130 -25.16 -18.42 -11.99
CA HIS B 130 -24.51 -18.68 -10.71
C HIS B 130 -24.62 -17.47 -9.79
N PRO B 131 -24.85 -17.68 -8.48
CA PRO B 131 -25.02 -16.54 -7.56
C PRO B 131 -23.88 -15.53 -7.59
N PHE B 132 -22.65 -15.97 -7.82
CA PHE B 132 -21.46 -15.11 -7.73
C PHE B 132 -20.90 -14.73 -9.09
N TYR B 133 -21.65 -14.96 -10.17
CA TYR B 133 -21.16 -14.71 -11.53
C TYR B 133 -20.91 -13.22 -11.76
N SER B 134 -21.87 -12.36 -11.41
CA SER B 134 -21.65 -10.92 -11.61
C SER B 134 -20.62 -10.37 -10.62
N ASN B 135 -20.65 -10.86 -9.38
CA ASN B 135 -19.72 -10.38 -8.35
C ASN B 135 -18.26 -10.52 -8.79
N ILE B 136 -17.92 -11.62 -9.49
CA ILE B 136 -16.55 -11.92 -9.89
C ILE B 136 -16.29 -11.51 -11.34
N SER B 137 -17.10 -12.01 -12.27
CA SER B 137 -16.73 -11.83 -13.67
C SER B 137 -17.04 -10.43 -14.21
N LYS B 138 -17.80 -9.60 -13.49
CA LYS B 138 -18.01 -8.21 -13.86
C LYS B 138 -17.30 -7.22 -12.93
N ASP B 139 -16.43 -7.71 -12.05
CA ASP B 139 -15.56 -6.84 -11.28
C ASP B 139 -14.62 -6.06 -12.22
N ARG B 140 -14.59 -4.72 -12.07
CA ARG B 140 -13.77 -3.87 -12.94
C ARG B 140 -12.25 -4.09 -12.79
N ARG B 141 -11.78 -4.76 -11.74
CA ARG B 141 -10.34 -5.02 -11.64
C ARG B 141 -9.83 -5.96 -12.74
N TYR B 142 -10.70 -6.73 -13.40
CA TYR B 142 -10.30 -7.61 -14.51
C TYR B 142 -10.67 -7.03 -15.89
N ALA B 143 -10.91 -5.72 -15.97
CA ALA B 143 -11.43 -5.13 -17.23
C ALA B 143 -10.40 -5.11 -18.35
N ASP B 144 -9.11 -5.24 -18.06
CA ASP B 144 -8.08 -5.21 -19.08
C ASP B 144 -7.63 -6.60 -19.55
N LEU B 145 -8.19 -7.67 -18.98
CA LEU B 145 -7.92 -9.00 -19.48
C LEU B 145 -8.64 -9.21 -20.80
N THR B 146 -8.03 -9.98 -21.71
CA THR B 146 -8.80 -10.38 -22.87
C THR B 146 -9.85 -11.41 -22.49
N GLU B 147 -10.88 -11.53 -23.33
CA GLU B 147 -11.91 -12.54 -23.09
C GLU B 147 -11.31 -13.94 -23.05
N ASP B 148 -10.16 -14.10 -23.68
CA ASP B 148 -9.38 -15.32 -23.64
C ASP B 148 -8.87 -15.65 -22.23
N GLN B 149 -8.65 -14.64 -21.39
CA GLN B 149 -7.87 -14.81 -20.17
C GLN B 149 -8.71 -14.94 -18.90
N LEU B 150 -9.94 -14.44 -18.89
CA LEU B 150 -10.77 -14.49 -17.70
C LEU B 150 -11.35 -15.90 -17.54
N PRO B 151 -11.02 -16.63 -16.47
CA PRO B 151 -11.49 -18.02 -16.37
C PRO B 151 -12.94 -18.13 -15.93
N SER B 152 -13.60 -19.16 -16.42
CA SER B 152 -14.84 -19.61 -15.78
C SER B 152 -14.57 -20.73 -14.76
N CYS B 153 -13.36 -21.30 -14.75
CA CYS B 153 -12.91 -22.38 -13.87
C CYS B 153 -11.44 -22.68 -14.21
N GLU B 154 -10.72 -23.30 -13.26
CA GLU B 154 -9.32 -23.69 -13.47
C GLU B 154 -8.99 -25.03 -12.82
N SER B 155 -8.23 -25.87 -13.54
CA SER B 155 -7.47 -26.96 -12.93
C SER B 155 -6.21 -26.41 -12.27
N LEU B 156 -5.50 -27.28 -11.53
CA LEU B 156 -4.22 -26.84 -10.94
C LEU B 156 -3.20 -26.56 -12.03
N LYS B 157 -3.17 -27.40 -13.07
CA LYS B 157 -2.37 -27.14 -14.26
C LYS B 157 -2.64 -25.75 -14.84
N ASP B 158 -3.94 -25.36 -14.93
CA ASP B 158 -4.29 -24.04 -15.47
C ASP B 158 -3.71 -22.91 -14.61
N THR B 159 -3.89 -23.00 -13.30
CA THR B 159 -3.38 -21.98 -12.39
C THR B 159 -1.87 -21.80 -12.56
N ILE B 160 -1.14 -22.92 -12.55
CA ILE B 160 0.32 -22.86 -12.69
C ILE B 160 0.72 -22.24 -14.03
N ALA B 161 0.01 -22.62 -15.11
CA ALA B 161 0.31 -22.07 -16.44
C ALA B 161 0.10 -20.57 -16.54
N ARG B 162 -0.86 -19.99 -15.82
CA ARG B 162 -0.98 -18.53 -15.94
C ARG B 162 -0.17 -17.76 -14.88
N ALA B 163 0.37 -18.45 -13.87
CA ALA B 163 1.23 -17.77 -12.91
C ALA B 163 2.69 -17.73 -13.37
N LEU B 164 3.17 -18.76 -14.03
CA LEU B 164 4.61 -18.73 -14.32
C LEU B 164 5.09 -17.64 -15.30
N PRO B 165 4.29 -17.19 -16.26
CA PRO B 165 4.75 -16.05 -17.11
C PRO B 165 5.16 -14.79 -16.32
N PHE B 166 4.47 -14.50 -15.21
CA PHE B 166 4.89 -13.36 -14.38
C PHE B 166 6.22 -13.63 -13.67
N TRP B 167 6.40 -14.84 -13.13
CA TRP B 167 7.71 -15.21 -12.57
C TRP B 167 8.82 -15.00 -13.59
N ASN B 168 8.63 -15.53 -14.81
CA ASN B 168 9.72 -15.52 -15.80
C ASN B 168 9.99 -14.12 -16.35
N GLU B 169 8.96 -13.30 -16.54
CA GLU B 169 9.11 -12.05 -17.26
C GLU B 169 9.32 -10.84 -16.37
N GLU B 170 8.96 -10.91 -15.08
CA GLU B 170 9.12 -9.74 -14.22
C GLU B 170 9.92 -10.02 -12.94
N ILE B 171 9.70 -11.17 -12.29
CA ILE B 171 10.38 -11.41 -11.01
C ILE B 171 11.84 -11.84 -11.22
N VAL B 172 12.09 -12.71 -12.20
CA VAL B 172 13.47 -13.17 -12.47
C VAL B 172 14.40 -12.03 -12.84
N PRO B 173 14.03 -11.06 -13.69
CA PRO B 173 14.98 -9.96 -13.94
C PRO B 173 15.27 -9.14 -12.68
N GLN B 174 14.27 -8.92 -11.81
CA GLN B 174 14.54 -8.24 -10.54
C GLN B 174 15.56 -9.01 -9.69
N ILE B 175 15.38 -10.34 -9.58
CA ILE B 175 16.36 -11.12 -8.80
C ILE B 175 17.75 -11.02 -9.43
N LYS B 176 17.83 -11.05 -10.76
CA LYS B 176 19.14 -10.94 -11.41
C LYS B 176 19.76 -9.56 -11.25
N GLU B 177 18.96 -8.52 -11.00
CA GLU B 177 19.52 -7.20 -10.73
C GLU B 177 20.05 -7.08 -9.30
N GLY B 178 19.85 -8.08 -8.45
CA GLY B 178 20.26 -8.03 -7.07
C GLY B 178 19.26 -7.44 -6.09
N LYS B 179 17.99 -7.30 -6.48
CA LYS B 179 16.96 -6.84 -5.54
C LYS B 179 16.50 -7.97 -4.64
N ARG B 180 16.27 -7.67 -3.36
CA ARG B 180 15.78 -8.64 -2.40
C ARG B 180 14.25 -8.65 -2.43
N VAL B 181 13.67 -9.79 -2.83
CA VAL B 181 12.25 -9.92 -3.18
C VAL B 181 11.49 -10.63 -2.07
N LEU B 182 10.28 -10.12 -1.77
CA LEU B 182 9.27 -10.77 -0.93
C LEU B 182 8.01 -11.00 -1.78
N ILE B 183 7.43 -12.19 -1.68
CA ILE B 183 6.20 -12.55 -2.42
C ILE B 183 5.16 -12.98 -1.39
N ALA B 184 4.01 -12.28 -1.38
CA ALA B 184 2.87 -12.61 -0.51
C ALA B 184 1.69 -13.06 -1.36
N ALA B 185 1.34 -14.35 -1.31
CA ALA B 185 0.30 -14.86 -2.21
C ALA B 185 -0.49 -16.02 -1.62
N HIS B 186 -0.93 -16.96 -2.47
CA HIS B 186 -1.89 -18.01 -2.10
C HIS B 186 -1.30 -19.41 -2.34
N GLY B 187 -1.98 -20.43 -1.79
CA GLY B 187 -1.42 -21.79 -1.81
C GLY B 187 -1.09 -22.30 -3.20
N ASN B 188 -2.05 -22.22 -4.14
CA ASN B 188 -1.88 -22.87 -5.44
C ASN B 188 -0.94 -22.07 -6.38
N SER B 189 -1.00 -20.73 -6.32
CA SER B 189 -0.08 -19.93 -7.13
C SER B 189 1.36 -20.05 -6.62
N LEU B 190 1.56 -20.11 -5.31
CA LEU B 190 2.91 -20.40 -4.79
C LEU B 190 3.37 -21.82 -5.15
N ARG B 191 2.44 -22.79 -5.19
CA ARG B 191 2.80 -24.13 -5.67
C ARG B 191 3.42 -24.10 -7.05
N GLY B 192 2.91 -23.23 -7.94
CA GLY B 192 3.54 -23.11 -9.25
C GLY B 192 5.01 -22.72 -9.18
N ILE B 193 5.33 -21.74 -8.33
CA ILE B 193 6.73 -21.30 -8.20
C ILE B 193 7.59 -22.41 -7.63
N VAL B 194 7.10 -23.12 -6.62
CA VAL B 194 7.90 -24.21 -6.01
C VAL B 194 8.14 -25.33 -7.03
N LYS B 195 7.09 -25.71 -7.78
CA LYS B 195 7.24 -26.77 -8.77
C LYS B 195 8.29 -26.41 -9.81
N HIS B 196 8.29 -25.16 -10.29
CA HIS B 196 9.32 -24.73 -11.25
C HIS B 196 10.72 -24.68 -10.62
N LEU B 197 10.83 -24.18 -9.38
CA LEU B 197 12.16 -24.03 -8.77
C LEU B 197 12.82 -25.39 -8.57
N GLU B 198 12.05 -26.40 -8.15
CA GLU B 198 12.62 -27.67 -7.76
C GLU B 198 12.53 -28.75 -8.84
N GLY B 199 11.84 -28.50 -9.95
CA GLY B 199 11.60 -29.55 -10.93
C GLY B 199 10.76 -30.71 -10.41
N LEU B 200 9.65 -30.40 -9.76
CA LEU B 200 8.83 -31.45 -9.16
C LEU B 200 7.87 -32.05 -10.18
N SER B 201 7.52 -33.32 -9.96
CA SER B 201 6.55 -34.01 -10.79
C SER B 201 5.13 -33.61 -10.38
N GLU B 202 4.16 -33.98 -11.21
CA GLU B 202 2.77 -33.64 -10.92
C GLU B 202 2.33 -34.23 -9.58
N GLU B 203 2.59 -35.53 -9.37
CA GLU B 203 2.18 -36.18 -8.13
C GLU B 203 2.85 -35.54 -6.91
N ALA B 204 4.14 -35.23 -7.02
CA ALA B 204 4.83 -34.60 -5.90
C ALA B 204 4.19 -33.25 -5.55
N ILE B 205 3.89 -32.42 -6.55
CA ILE B 205 3.32 -31.11 -6.24
C ILE B 205 1.90 -31.24 -5.69
N MET B 206 1.16 -32.28 -6.11
CA MET B 206 -0.16 -32.49 -5.50
C MET B 206 -0.04 -32.97 -4.05
N GLU B 207 1.07 -33.59 -3.68
CA GLU B 207 1.24 -33.98 -2.29
C GLU B 207 1.81 -32.85 -1.40
N LEU B 208 2.26 -31.72 -1.96
CA LEU B 208 2.90 -30.66 -1.18
C LEU B 208 1.88 -29.66 -0.66
N ASN B 209 1.85 -29.47 0.66
CA ASN B 209 0.94 -28.52 1.32
C ASN B 209 1.76 -27.49 2.09
N LEU B 210 1.73 -26.24 1.64
CA LEU B 210 2.59 -25.22 2.24
C LEU B 210 1.96 -24.69 3.54
N PRO B 211 2.76 -24.51 4.60
CA PRO B 211 2.24 -23.92 5.83
C PRO B 211 1.87 -22.46 5.66
N THR B 212 0.93 -22.01 6.49
CA THR B 212 0.36 -20.66 6.41
C THR B 212 0.98 -19.72 7.43
N GLY B 213 1.20 -18.48 7.03
CA GLY B 213 1.66 -17.41 7.91
C GLY B 213 3.09 -17.50 8.37
N ILE B 214 3.92 -18.31 7.73
CA ILE B 214 5.30 -18.57 8.15
C ILE B 214 6.21 -18.17 7.00
N PRO B 215 7.29 -17.43 7.26
CA PRO B 215 8.24 -17.10 6.18
C PRO B 215 8.95 -18.35 5.66
N ILE B 216 8.95 -18.50 4.33
CA ILE B 216 9.59 -19.62 3.61
C ILE B 216 10.78 -19.07 2.84
N VAL B 217 11.99 -19.58 3.12
CA VAL B 217 13.24 -18.98 2.62
C VAL B 217 13.95 -19.92 1.66
N TYR B 218 14.37 -19.39 0.51
CA TYR B 218 15.13 -20.11 -0.51
C TYR B 218 16.48 -19.44 -0.74
N GLU B 219 17.52 -20.25 -0.95
CA GLU B 219 18.87 -19.81 -1.33
C GLU B 219 19.17 -20.32 -2.73
N LEU B 220 19.38 -19.40 -3.68
CA LEU B 220 19.50 -19.74 -5.11
C LEU B 220 20.90 -19.44 -5.66
N ASP B 221 21.38 -20.31 -6.57
CA ASP B 221 22.68 -20.13 -7.19
C ASP B 221 22.56 -19.19 -8.39
N LYS B 222 23.65 -19.01 -9.15
CA LYS B 222 23.66 -18.06 -10.26
C LYS B 222 22.73 -18.48 -11.40
N ASN B 223 22.34 -19.74 -11.46
CA ASN B 223 21.32 -20.18 -12.42
C ASN B 223 19.92 -20.17 -11.82
N LEU B 224 19.77 -19.59 -10.63
CA LEU B 224 18.50 -19.54 -9.89
C LEU B 224 17.96 -20.93 -9.55
N LYS B 225 18.86 -21.91 -9.35
CA LYS B 225 18.39 -23.18 -8.80
C LYS B 225 18.65 -23.23 -7.29
N PRO B 226 17.74 -23.78 -6.50
CA PRO B 226 17.99 -23.91 -5.06
C PRO B 226 19.23 -24.76 -4.78
N ILE B 227 19.98 -24.37 -3.74
CA ILE B 227 21.14 -25.16 -3.34
C ILE B 227 20.83 -26.15 -2.23
N LYS B 228 19.64 -26.06 -1.62
CA LYS B 228 19.22 -26.93 -0.53
C LYS B 228 17.71 -26.78 -0.37
N PRO B 229 17.05 -27.64 0.41
CA PRO B 229 15.60 -27.51 0.59
C PRO B 229 15.19 -26.20 1.25
N MET B 230 13.94 -25.80 0.99
CA MET B 230 13.29 -24.68 1.66
C MET B 230 13.35 -24.78 3.20
N GLN B 231 13.53 -23.63 3.85
CA GLN B 231 13.62 -23.54 5.32
C GLN B 231 12.61 -22.51 5.83
N PHE B 232 12.40 -22.50 7.15
CA PHE B 232 11.35 -21.70 7.76
C PHE B 232 11.89 -20.86 8.91
N LEU B 233 11.23 -19.73 9.17
CA LEU B 233 11.63 -18.78 10.22
C LEU B 233 10.60 -18.73 11.34
N GLY B 234 11.07 -18.68 12.60
CA GLY B 234 10.21 -18.58 13.75
C GLY B 234 10.73 -19.39 14.91
N ASP B 235 9.89 -19.52 15.95
CA ASP B 235 10.28 -20.27 17.14
C ASP B 235 10.48 -21.75 16.82
N GLU B 236 10.97 -22.49 17.79
CA GLU B 236 11.29 -23.89 17.57
C GLU B 236 10.03 -24.70 17.24
N GLU B 237 8.96 -24.51 18.02
CA GLU B 237 7.75 -25.30 17.81
C GLU B 237 7.13 -25.02 16.45
N THR B 238 6.89 -23.73 16.14
CA THR B 238 6.31 -23.37 14.85
C THR B 238 7.14 -23.93 13.70
N VAL B 239 8.46 -23.71 13.73
CA VAL B 239 9.33 -24.19 12.66
C VAL B 239 9.23 -25.70 12.52
N ARG B 240 9.30 -26.43 13.64
CA ARG B 240 9.27 -27.89 13.59
C ARG B 240 7.93 -28.39 13.06
N LYS B 241 6.83 -27.80 13.51
CA LYS B 241 5.51 -28.13 12.98
C LYS B 241 5.33 -27.51 11.59
CL CL C . 0.38 -0.68 -0.80
#